data_6CGB
#
_entry.id   6CGB
#
_cell.length_a   53.496
_cell.length_b   81.030
_cell.length_c   166.192
_cell.angle_alpha   90.00
_cell.angle_beta   90.00
_cell.angle_gamma   90.00
#
_symmetry.space_group_name_H-M   'I 21 21 21'
#
loop_
_entity.id
_entity.type
_entity.pdbx_description
1 polymer 'Cadherin-11, Cadherin-6 chimera'
2 non-polymer 'CALCIUM ION'
3 non-polymer 'ACETATE ION'
4 non-polymer GLYCEROL
5 water water
#
_entity_poly.entity_id   1
_entity_poly.type   'polypeptide(L)'
_entity_poly.pdbx_seq_one_letter_code
;GWVWNQFFVIEEYTGPDPVLVGRLHSDIDSGDGNIKYILSGEGAGTIFVIDDKSGNIHATKTLDREERAQYTLMAQAVDR
DTNRPLEPPSEFIVKVQDINDNEPIFTKDVYTATVPEMADVGTFVVQVTATDADDPTYGNSAKVVYSILQGQPYFSVESE
TGIIKTALLNMDRENREQYQVVIQAKDMGGQMGGLSGTTTVNITLTD
;
_entity_poly.pdbx_strand_id   A
#
loop_
_chem_comp.id
_chem_comp.type
_chem_comp.name
_chem_comp.formula
ACT non-polymer 'ACETATE ION' 'C2 H3 O2 -1'
CA non-polymer 'CALCIUM ION' 'Ca 2'
GOL non-polymer GLYCEROL 'C3 H8 O3'
#
# COMPACT_ATOMS: atom_id res chain seq x y z
N GLY A 1 21.08 18.52 -1.91
CA GLY A 1 19.67 18.09 -2.14
C GLY A 1 19.44 16.63 -1.79
N TRP A 2 20.50 15.96 -1.34
CA TRP A 2 20.40 14.57 -0.94
C TRP A 2 19.63 14.44 0.36
N VAL A 3 19.11 13.24 0.59
CA VAL A 3 18.30 12.94 1.77
C VAL A 3 18.83 11.63 2.36
N TRP A 4 19.42 11.73 3.55
CA TRP A 4 19.95 10.56 4.25
C TRP A 4 19.30 10.35 5.62
N ASN A 5 18.63 11.36 6.17
CA ASN A 5 18.10 11.29 7.53
C ASN A 5 16.77 10.54 7.57
N GLN A 6 16.82 9.28 7.12
CA GLN A 6 15.66 8.42 7.26
C GLN A 6 16.11 6.97 7.23
N PHE A 7 15.37 6.15 7.98
CA PHE A 7 15.55 4.71 8.00
C PHE A 7 14.27 4.05 7.51
N PHE A 8 14.35 2.75 7.22
CA PHE A 8 13.21 2.02 6.67
C PHE A 8 12.95 0.77 7.49
N VAL A 9 11.68 0.37 7.53
CA VAL A 9 11.25 -0.85 8.21
C VAL A 9 10.18 -1.51 7.36
N ILE A 10 10.17 -2.83 7.33
CA ILE A 10 9.21 -3.59 6.55
C ILE A 10 7.90 -3.71 7.31
N GLU A 11 6.79 -3.46 6.61
CA GLU A 11 5.47 -3.80 7.12
C GLU A 11 5.36 -5.30 7.36
N GLU A 12 4.66 -5.68 8.43
CA GLU A 12 4.46 -7.09 8.77
C GLU A 12 5.72 -7.80 9.22
N TYR A 13 6.37 -7.33 10.29
CA TYR A 13 7.46 -8.11 10.90
C TYR A 13 6.81 -9.25 11.67
N THR A 14 6.69 -10.39 11.01
CA THR A 14 6.19 -11.62 11.63
C THR A 14 7.36 -12.50 12.06
N GLY A 15 8.34 -11.89 12.73
CA GLY A 15 9.56 -12.56 13.10
C GLY A 15 9.73 -12.70 14.59
N PRO A 16 10.64 -13.58 15.01
CA PRO A 16 10.70 -13.96 16.44
C PRO A 16 11.11 -12.81 17.35
N ASP A 17 12.30 -12.24 17.12
CA ASP A 17 12.81 -11.20 18.02
C ASP A 17 12.78 -9.83 17.33
N PRO A 18 12.56 -8.75 18.11
CA PRO A 18 12.48 -7.40 17.53
C PRO A 18 13.57 -7.09 16.50
N VAL A 19 13.30 -6.09 15.66
CA VAL A 19 14.13 -5.76 14.51
C VAL A 19 14.80 -4.41 14.71
N LEU A 20 15.94 -4.24 14.07
CA LEU A 20 16.66 -2.97 14.06
C LEU A 20 16.11 -2.07 12.96
N VAL A 21 15.90 -0.80 13.29
CA VAL A 21 15.45 0.19 12.33
C VAL A 21 16.63 0.95 11.73
N GLY A 22 17.50 1.44 12.59
CA GLY A 22 18.65 2.21 12.14
C GLY A 22 19.49 2.59 13.33
N ARG A 23 20.38 3.57 13.13
CA ARG A 23 21.26 4.02 14.19
C ARG A 23 21.50 5.52 14.09
N LEU A 24 21.28 6.22 15.20
CA LEU A 24 21.74 7.60 15.32
C LEU A 24 23.23 7.62 15.63
N HIS A 25 23.88 8.70 15.23
CA HIS A 25 25.32 8.81 15.47
C HIS A 25 25.83 10.22 15.18
N SER A 26 26.59 10.77 16.11
CA SER A 26 27.30 12.02 15.92
C SER A 26 28.78 11.74 15.70
N ASP A 27 29.41 12.50 14.80
CA ASP A 27 30.81 12.27 14.51
C ASP A 27 31.71 12.48 15.72
N ILE A 28 31.20 13.10 16.79
CA ILE A 28 31.99 13.32 18.00
C ILE A 28 31.97 12.14 18.95
N ASP A 29 31.11 11.14 18.72
CA ASP A 29 31.07 9.94 19.54
C ASP A 29 32.39 9.19 19.37
N SER A 30 33.26 9.28 20.36
CA SER A 30 34.58 8.67 20.31
C SER A 30 34.60 7.24 20.83
N GLY A 31 33.42 6.64 21.07
CA GLY A 31 33.34 5.25 21.45
C GLY A 31 33.58 4.96 22.91
N ASP A 32 33.59 5.98 23.77
CA ASP A 32 33.82 5.80 25.19
C ASP A 32 32.54 5.96 26.01
N GLY A 33 31.38 5.94 25.36
CA GLY A 33 30.11 5.95 26.07
C GLY A 33 29.84 7.18 26.88
N ASN A 34 30.56 8.27 26.65
CA ASN A 34 30.32 9.54 27.32
C ASN A 34 29.26 10.37 26.62
N ILE A 35 28.63 9.83 25.58
CA ILE A 35 27.64 10.54 24.77
C ILE A 35 26.34 9.76 24.83
N LYS A 36 25.23 10.47 25.04
CA LYS A 36 23.93 9.86 25.30
C LYS A 36 22.96 10.27 24.20
N TYR A 37 22.51 9.30 23.40
CA TYR A 37 21.53 9.55 22.35
C TYR A 37 20.11 9.45 22.91
N ILE A 38 19.22 10.27 22.38
CA ILE A 38 17.85 10.38 22.89
C ILE A 38 16.87 10.43 21.73
N LEU A 39 15.80 9.66 21.84
CA LEU A 39 14.67 9.73 20.92
C LEU A 39 13.57 10.61 21.47
N SER A 40 12.75 11.13 20.57
CA SER A 40 11.60 11.94 20.94
C SER A 40 10.76 12.16 19.70
N GLY A 41 9.44 12.23 19.90
CA GLY A 41 8.49 12.48 18.83
C GLY A 41 7.55 11.30 18.64
N GLU A 42 7.06 11.18 17.40
CA GLU A 42 6.06 10.18 17.06
C GLU A 42 6.58 8.77 17.28
N GLY A 43 6.09 8.11 18.32
CA GLY A 43 6.45 6.74 18.60
C GLY A 43 7.64 6.56 19.53
N ALA A 44 8.32 7.65 19.90
CA ALA A 44 9.52 7.53 20.71
C ALA A 44 9.19 6.92 22.08
N GLY A 45 10.03 6.00 22.51
CA GLY A 45 9.82 5.31 23.77
C GLY A 45 8.71 4.29 23.77
N THR A 46 8.08 4.03 22.63
CA THR A 46 6.98 3.07 22.55
C THR A 46 7.17 2.15 21.35
N ILE A 47 6.72 2.59 20.18
CA ILE A 47 6.99 1.83 18.96
C ILE A 47 8.50 1.73 18.74
N PHE A 48 9.20 2.84 18.92
CA PHE A 48 10.62 2.94 18.60
C PHE A 48 11.41 3.21 19.87
N VAL A 49 12.34 2.32 20.19
CA VAL A 49 13.15 2.41 21.39
C VAL A 49 14.61 2.47 20.98
N ILE A 50 15.41 3.19 21.75
CA ILE A 50 16.81 3.42 21.44
C ILE A 50 17.67 3.05 22.64
N ASP A 51 18.84 2.48 22.34
CA ASP A 51 19.88 2.28 23.34
C ASP A 51 20.83 3.47 23.28
N ASP A 52 20.91 4.24 24.36
CA ASP A 52 21.48 5.57 24.31
C ASP A 52 23.01 5.59 24.29
N LYS A 53 23.66 4.45 24.52
CA LYS A 53 25.11 4.38 24.38
C LYS A 53 25.50 4.02 22.95
N SER A 54 24.76 3.10 22.34
CA SER A 54 25.03 2.67 20.98
C SER A 54 24.44 3.65 19.97
N GLY A 55 23.14 3.92 20.08
CA GLY A 55 22.41 4.66 19.08
C GLY A 55 21.46 3.82 18.26
N ASN A 56 21.41 2.50 18.50
CA ASN A 56 20.54 1.63 17.74
C ASN A 56 19.08 1.83 18.14
N ILE A 57 18.20 1.82 17.13
CA ILE A 57 16.77 2.02 17.33
C ILE A 57 16.05 0.78 16.84
N HIS A 58 15.10 0.29 17.64
CA HIS A 58 14.43 -0.97 17.36
C HIS A 58 12.92 -0.79 17.28
N ALA A 59 12.30 -1.62 16.44
CA ALA A 59 10.84 -1.64 16.30
C ALA A 59 10.28 -2.67 17.27
N THR A 60 9.48 -2.20 18.24
CA THR A 60 9.01 -3.06 19.31
C THR A 60 7.77 -3.85 18.90
N LYS A 61 6.95 -3.31 18.01
CA LYS A 61 5.75 -3.97 17.53
C LYS A 61 5.82 -4.10 16.02
N THR A 62 4.86 -4.84 15.46
CA THR A 62 4.75 -4.97 14.02
C THR A 62 3.86 -3.84 13.49
N LEU A 63 4.30 -3.21 12.40
CA LEU A 63 3.67 -2.00 11.90
C LEU A 63 2.95 -2.29 10.58
N ASP A 64 1.87 -1.54 10.33
CA ASP A 64 1.05 -1.70 9.13
C ASP A 64 1.06 -0.37 8.36
N ARG A 65 1.64 -0.37 7.16
CA ARG A 65 1.70 0.86 6.37
C ARG A 65 0.32 1.40 6.06
N GLU A 66 -0.71 0.56 6.05
CA GLU A 66 -2.07 1.03 5.83
C GLU A 66 -2.59 1.84 7.02
N GLU A 67 -2.14 1.49 8.24
CA GLU A 67 -2.54 2.25 9.42
C GLU A 67 -1.74 3.54 9.53
N ARG A 68 -0.41 3.44 9.52
CA ARG A 68 0.47 4.59 9.47
C ARG A 68 1.64 4.26 8.55
N ALA A 69 1.99 5.22 7.70
CA ALA A 69 3.03 5.02 6.70
C ALA A 69 4.35 5.69 7.07
N GLN A 70 4.35 6.59 8.06
CA GLN A 70 5.50 7.45 8.26
C GLN A 70 5.49 7.99 9.68
N TYR A 71 6.63 7.85 10.36
CA TYR A 71 6.82 8.40 11.70
C TYR A 71 7.96 9.40 11.66
N THR A 72 7.73 10.61 12.19
CA THR A 72 8.74 11.64 12.29
C THR A 72 9.22 11.74 13.72
N LEU A 73 10.53 11.62 13.93
CA LEU A 73 11.13 11.61 15.26
C LEU A 73 12.25 12.64 15.34
N MET A 74 12.73 12.84 16.57
CA MET A 74 13.85 13.73 16.86
C MET A 74 15.05 12.94 17.33
N ALA A 75 16.22 13.53 17.15
CA ALA A 75 17.48 12.93 17.55
C ALA A 75 18.29 13.98 18.31
N GLN A 76 18.68 13.64 19.54
CA GLN A 76 19.54 14.47 20.36
C GLN A 76 20.79 13.70 20.74
N ALA A 77 21.85 14.44 21.05
CA ALA A 77 23.07 13.85 21.60
C ALA A 77 23.54 14.76 22.73
N VAL A 78 23.49 14.26 23.96
CA VAL A 78 23.84 15.03 25.14
C VAL A 78 25.03 14.37 25.83
N ASP A 79 25.59 15.09 26.79
CA ASP A 79 26.70 14.57 27.58
C ASP A 79 26.16 13.67 28.68
N ARG A 80 26.63 12.42 28.70
CA ARG A 80 26.16 11.39 29.61
C ARG A 80 25.86 11.94 31.00
N ASP A 81 26.74 12.80 31.51
CA ASP A 81 26.67 13.25 32.90
C ASP A 81 25.94 14.58 33.03
N THR A 82 26.42 15.62 32.36
CA THR A 82 25.80 16.94 32.46
C THR A 82 24.50 17.05 31.69
N ASN A 83 24.30 16.23 30.66
CA ASN A 83 23.13 16.34 29.80
C ASN A 83 23.09 17.69 29.10
N ARG A 84 24.26 18.25 28.79
CA ARG A 84 24.36 19.51 28.07
C ARG A 84 24.05 19.28 26.60
N PRO A 85 23.75 20.34 25.85
CA PRO A 85 23.62 20.22 24.40
C PRO A 85 24.97 19.93 23.77
N LEU A 86 25.12 18.74 23.20
CA LEU A 86 26.34 18.37 22.51
C LEU A 86 26.21 18.46 21.00
N GLU A 87 25.09 17.94 20.46
CA GLU A 87 24.74 18.10 19.07
C GLU A 87 23.33 18.68 18.99
N PRO A 88 23.10 19.67 18.14
CA PRO A 88 21.75 20.22 18.04
C PRO A 88 20.79 19.16 17.57
N PRO A 89 19.54 19.21 18.05
CA PRO A 89 18.61 18.15 17.69
C PRO A 89 18.17 18.27 16.24
N SER A 90 18.07 17.11 15.58
CA SER A 90 17.76 17.06 14.15
C SER A 90 16.64 16.06 13.92
N GLU A 91 15.75 16.39 12.99
CA GLU A 91 14.63 15.53 12.67
C GLU A 91 15.07 14.37 11.78
N PHE A 92 14.32 13.27 11.87
CA PHE A 92 14.49 12.17 10.94
C PHE A 92 13.19 11.39 10.88
N ILE A 93 13.06 10.56 9.85
CA ILE A 93 11.80 9.89 9.54
C ILE A 93 12.04 8.42 9.27
N VAL A 94 11.15 7.57 9.77
CA VAL A 94 11.16 6.15 9.50
C VAL A 94 9.93 5.83 8.66
N LYS A 95 10.13 5.09 7.58
CA LYS A 95 9.08 4.82 6.60
C LYS A 95 8.71 3.35 6.66
N VAL A 96 7.48 3.07 7.09
CA VAL A 96 6.97 1.70 7.04
C VAL A 96 6.88 1.30 5.57
N GLN A 97 7.84 0.50 5.12
CA GLN A 97 7.92 0.15 3.71
C GLN A 97 6.79 -0.80 3.33
N ASP A 98 6.25 -0.63 2.12
CA ASP A 98 5.07 -1.38 1.70
C ASP A 98 5.42 -2.80 1.31
N ILE A 99 4.48 -3.71 1.64
CA ILE A 99 4.34 -5.02 0.99
C ILE A 99 2.91 -5.10 0.44
N ASN A 100 2.77 -5.83 -0.67
CA ASN A 100 1.48 -5.99 -1.35
C ASN A 100 0.66 -7.03 -0.58
N ASP A 101 0.24 -6.64 0.62
CA ASP A 101 -0.52 -7.52 1.51
C ASP A 101 -2.01 -7.20 1.53
N ASN A 102 -2.54 -6.65 0.43
CA ASN A 102 -3.95 -6.33 0.34
C ASN A 102 -4.41 -6.57 -1.10
N GLU A 103 -5.58 -7.22 -1.26
CA GLU A 103 -6.09 -7.51 -2.58
C GLU A 103 -6.90 -6.32 -3.11
N PRO A 104 -7.08 -6.23 -4.42
CA PRO A 104 -8.10 -5.33 -4.95
C PRO A 104 -9.46 -5.70 -4.37
N ILE A 105 -10.30 -4.69 -4.18
CA ILE A 105 -11.60 -4.88 -3.55
C ILE A 105 -12.62 -4.06 -4.32
N PHE A 106 -13.49 -4.73 -5.06
CA PHE A 106 -14.56 -4.03 -5.74
C PHE A 106 -15.42 -3.31 -4.72
N THR A 107 -15.56 -2.00 -4.92
CA THR A 107 -16.45 -1.19 -4.10
C THR A 107 -17.74 -1.93 -3.80
N LYS A 108 -18.36 -2.51 -4.84
CA LYS A 108 -19.53 -3.35 -4.69
C LYS A 108 -19.16 -4.82 -4.84
N ASP A 109 -20.04 -5.68 -4.31
CA ASP A 109 -19.97 -7.11 -4.59
C ASP A 109 -20.89 -7.52 -5.74
N VAL A 110 -21.87 -6.69 -6.08
CA VAL A 110 -22.76 -6.95 -7.21
C VAL A 110 -23.13 -5.62 -7.85
N TYR A 111 -22.99 -5.54 -9.17
CA TYR A 111 -23.42 -4.38 -9.94
C TYR A 111 -24.66 -4.75 -10.75
N THR A 112 -25.48 -3.74 -11.04
CA THR A 112 -26.67 -3.91 -11.86
C THR A 112 -26.69 -2.81 -12.90
N ALA A 113 -26.72 -3.20 -14.18
CA ALA A 113 -26.65 -2.25 -15.28
C ALA A 113 -27.67 -2.65 -16.35
N THR A 114 -27.90 -1.72 -17.26
CA THR A 114 -28.81 -1.91 -18.37
C THR A 114 -28.17 -1.40 -19.65
N VAL A 115 -28.50 -2.06 -20.75
CA VAL A 115 -27.98 -1.66 -22.07
C VAL A 115 -29.02 -2.05 -23.11
N PRO A 116 -29.19 -1.29 -24.19
CA PRO A 116 -30.22 -1.63 -25.17
C PRO A 116 -29.85 -2.81 -26.07
N GLU A 117 -30.88 -3.60 -26.41
CA GLU A 117 -30.71 -4.68 -27.37
C GLU A 117 -30.27 -4.12 -28.72
N MET A 118 -29.78 -5.01 -29.58
CA MET A 118 -29.40 -4.66 -30.95
C MET A 118 -28.43 -3.48 -30.98
N ALA A 119 -27.83 -3.16 -29.84
CA ALA A 119 -26.89 -2.06 -29.77
C ALA A 119 -25.66 -2.36 -30.61
N ASP A 120 -24.99 -1.31 -31.04
CA ASP A 120 -23.76 -1.47 -31.77
C ASP A 120 -22.67 -1.95 -30.82
N VAL A 121 -21.63 -2.56 -31.39
CA VAL A 121 -20.52 -3.05 -30.58
C VAL A 121 -19.84 -1.87 -29.90
N GLY A 122 -19.42 -2.10 -28.65
CA GLY A 122 -18.75 -1.07 -27.88
C GLY A 122 -19.67 -0.14 -27.13
N THR A 123 -20.94 -0.49 -26.99
CA THR A 123 -21.86 0.35 -26.23
C THR A 123 -21.52 0.24 -24.74
N PHE A 124 -21.41 1.39 -24.09
CA PHE A 124 -21.09 1.41 -22.67
C PHE A 124 -22.19 0.72 -21.87
N VAL A 125 -21.79 -0.01 -20.83
CA VAL A 125 -22.72 -0.73 -19.98
C VAL A 125 -22.60 -0.22 -18.54
N VAL A 126 -21.41 -0.32 -17.97
CA VAL A 126 -21.18 0.09 -16.58
C VAL A 126 -19.68 0.13 -16.34
N GLN A 127 -19.27 0.85 -15.31
CA GLN A 127 -17.87 0.94 -14.92
C GLN A 127 -17.73 0.47 -13.48
N VAL A 128 -16.95 -0.59 -13.29
CA VAL A 128 -16.68 -1.14 -11.97
C VAL A 128 -15.34 -0.59 -11.48
N THR A 129 -15.17 -0.57 -10.16
CA THR A 129 -13.97 -0.02 -9.55
C THR A 129 -13.52 -0.91 -8.40
N ALA A 130 -12.32 -1.45 -8.53
CA ALA A 130 -11.67 -2.20 -7.46
C ALA A 130 -10.58 -1.33 -6.86
N THR A 131 -10.75 -0.95 -5.60
CA THR A 131 -9.75 -0.18 -4.89
C THR A 131 -8.68 -1.11 -4.33
N ASP A 132 -7.45 -0.61 -4.20
CA ASP A 132 -6.33 -1.38 -3.67
C ASP A 132 -5.58 -0.54 -2.64
N ALA A 133 -5.55 -1.01 -1.40
CA ALA A 133 -4.97 -0.22 -0.31
C ALA A 133 -3.47 -0.13 -0.41
N ASP A 134 -2.82 -1.11 -1.03
CA ASP A 134 -1.38 -1.04 -1.22
C ASP A 134 -1.02 0.24 -1.97
N ASP A 135 -0.27 1.12 -1.32
CA ASP A 135 0.16 2.38 -1.90
C ASP A 135 1.68 2.44 -1.87
N PRO A 136 2.36 1.63 -2.69
CA PRO A 136 3.82 1.66 -2.70
C PRO A 136 4.33 3.02 -3.14
N THR A 137 5.46 3.42 -2.57
CA THR A 137 6.12 4.64 -3.01
C THR A 137 6.30 4.62 -4.52
N TYR A 138 6.74 3.50 -5.07
CA TYR A 138 6.75 3.29 -6.51
C TYR A 138 6.80 1.79 -6.78
N GLY A 139 6.50 1.43 -8.02
CA GLY A 139 6.35 0.04 -8.41
C GLY A 139 4.91 -0.26 -8.79
N ASN A 140 4.73 -1.35 -9.54
CA ASN A 140 3.43 -1.80 -9.99
C ASN A 140 2.77 -2.75 -9.00
N SER A 141 3.25 -2.80 -7.75
CA SER A 141 2.71 -3.74 -6.79
C SER A 141 1.22 -3.51 -6.54
N ALA A 142 0.75 -2.29 -6.74
CA ALA A 142 -0.65 -1.94 -6.51
C ALA A 142 -1.36 -1.55 -7.80
N LYS A 143 -0.86 -1.98 -8.94
CA LYS A 143 -1.43 -1.61 -10.23
C LYS A 143 -2.57 -2.58 -10.57
N VAL A 144 -3.80 -2.07 -10.58
CA VAL A 144 -4.99 -2.89 -10.74
C VAL A 144 -5.33 -2.99 -12.22
N VAL A 145 -5.67 -4.19 -12.66
CA VAL A 145 -6.13 -4.45 -14.03
C VAL A 145 -7.39 -5.30 -13.96
N TYR A 146 -8.35 -4.99 -14.83
CA TYR A 146 -9.64 -5.66 -14.84
C TYR A 146 -9.72 -6.64 -16.01
N SER A 147 -10.20 -7.85 -15.74
CA SER A 147 -10.37 -8.87 -16.76
C SER A 147 -11.75 -9.50 -16.60
N ILE A 148 -12.27 -10.04 -17.70
CA ILE A 148 -13.63 -10.57 -17.74
C ILE A 148 -13.55 -12.09 -17.61
N LEU A 149 -14.04 -12.61 -16.49
CA LEU A 149 -14.09 -14.05 -16.29
C LEU A 149 -15.26 -14.66 -17.08
N GLN A 150 -16.48 -14.32 -16.68
CA GLN A 150 -17.69 -14.81 -17.34
C GLN A 150 -18.36 -13.65 -18.04
N GLY A 151 -18.62 -13.80 -19.33
CA GLY A 151 -19.32 -12.78 -20.08
C GLY A 151 -18.87 -12.72 -21.52
N GLN A 152 -17.70 -13.26 -21.79
CA GLN A 152 -17.23 -13.35 -23.17
C GLN A 152 -18.06 -14.40 -23.91
N PRO A 153 -18.28 -14.18 -25.22
CA PRO A 153 -17.82 -13.02 -26.00
C PRO A 153 -18.80 -11.84 -25.93
N TYR A 154 -19.87 -12.00 -25.15
CA TYR A 154 -20.94 -11.01 -25.14
C TYR A 154 -20.43 -9.63 -24.74
N PHE A 155 -19.51 -9.58 -23.77
CA PHE A 155 -19.03 -8.31 -23.25
C PHE A 155 -17.51 -8.31 -23.22
N SER A 156 -16.95 -7.12 -23.39
CA SER A 156 -15.53 -6.87 -23.20
C SER A 156 -15.37 -5.84 -22.09
N VAL A 157 -14.27 -5.95 -21.36
CA VAL A 157 -13.95 -5.01 -20.29
C VAL A 157 -12.61 -4.37 -20.61
N GLU A 158 -12.44 -3.13 -20.16
CA GLU A 158 -11.22 -2.38 -20.40
C GLU A 158 -10.23 -2.65 -19.26
N SER A 159 -9.04 -3.10 -19.63
CA SER A 159 -8.08 -3.57 -18.64
C SER A 159 -7.80 -2.53 -17.55
N GLU A 160 -7.83 -1.24 -17.89
CA GLU A 160 -7.34 -0.21 -16.99
C GLU A 160 -8.45 0.56 -16.28
N THR A 161 -9.63 0.70 -16.88
CA THR A 161 -10.69 1.55 -16.35
C THR A 161 -11.87 0.76 -15.80
N GLY A 162 -11.90 -0.55 -15.97
CA GLY A 162 -13.05 -1.33 -15.52
C GLY A 162 -14.35 -0.91 -16.16
N ILE A 163 -14.30 -0.50 -17.43
CA ILE A 163 -15.49 -0.15 -18.20
C ILE A 163 -15.91 -1.38 -19.00
N ILE A 164 -17.17 -1.77 -18.86
CA ILE A 164 -17.73 -2.91 -19.56
C ILE A 164 -18.51 -2.41 -20.76
N LYS A 165 -18.35 -3.08 -21.90
CA LYS A 165 -19.03 -2.72 -23.13
C LYS A 165 -19.61 -3.95 -23.78
N THR A 166 -20.62 -3.73 -24.61
CA THR A 166 -21.14 -4.77 -25.48
C THR A 166 -20.08 -5.18 -26.50
N ALA A 167 -20.02 -6.47 -26.80
CA ALA A 167 -19.02 -6.98 -27.71
C ALA A 167 -19.60 -7.95 -28.74
N LEU A 168 -20.91 -8.09 -28.83
CA LEU A 168 -21.55 -8.93 -29.84
C LEU A 168 -22.70 -8.18 -30.48
N LEU A 169 -22.68 -8.09 -31.80
CA LEU A 169 -23.76 -7.45 -32.53
C LEU A 169 -25.06 -8.24 -32.38
N ASN A 170 -26.17 -7.51 -32.33
CA ASN A 170 -27.50 -8.10 -32.49
C ASN A 170 -27.75 -9.22 -31.49
N MET A 171 -27.91 -8.81 -30.23
CA MET A 171 -28.18 -9.76 -29.15
C MET A 171 -29.66 -9.79 -28.81
N ASN A 175 -34.06 -13.56 -27.79
CA ASN A 175 -33.10 -14.64 -27.54
C ASN A 175 -32.85 -14.81 -26.04
N ARG A 176 -31.93 -14.02 -25.49
CA ARG A 176 -31.70 -13.97 -24.05
C ARG A 176 -31.81 -12.53 -23.59
N GLU A 177 -32.33 -12.34 -22.38
CA GLU A 177 -32.61 -11.02 -21.83
C GLU A 177 -31.61 -10.56 -20.76
N GLN A 178 -31.18 -11.47 -19.88
CA GLN A 178 -30.29 -11.11 -18.78
C GLN A 178 -29.01 -11.93 -18.85
N TYR A 179 -27.87 -11.26 -18.69
CA TYR A 179 -26.56 -11.89 -18.64
C TYR A 179 -25.91 -11.56 -17.30
N GLN A 180 -25.17 -12.51 -16.75
CA GLN A 180 -24.43 -12.33 -15.51
C GLN A 180 -22.93 -12.33 -15.82
N VAL A 181 -22.28 -11.19 -15.58
CA VAL A 181 -20.86 -11.03 -15.87
C VAL A 181 -20.07 -11.10 -14.57
N VAL A 182 -18.85 -11.61 -14.66
CA VAL A 182 -17.92 -11.69 -13.54
C VAL A 182 -16.61 -11.04 -13.96
N ILE A 183 -16.13 -10.08 -13.16
CA ILE A 183 -14.94 -9.32 -13.46
C ILE A 183 -13.94 -9.51 -12.33
N GLN A 184 -12.67 -9.72 -12.70
CA GLN A 184 -11.59 -9.88 -11.74
C GLN A 184 -10.69 -8.65 -11.76
N ALA A 185 -10.33 -8.18 -10.56
CA ALA A 185 -9.36 -7.11 -10.40
C ALA A 185 -8.11 -7.71 -9.77
N LYS A 186 -7.03 -7.75 -10.54
CA LYS A 186 -5.77 -8.35 -10.11
C LYS A 186 -4.68 -7.27 -10.08
N ASP A 187 -3.88 -7.27 -9.02
CA ASP A 187 -2.81 -6.30 -8.88
C ASP A 187 -1.52 -6.86 -9.47
N MET A 188 -0.40 -6.19 -9.22
CA MET A 188 0.88 -6.50 -9.87
C MET A 188 0.81 -6.25 -11.36
N GLY A 189 -0.14 -5.43 -11.81
CA GLY A 189 -0.41 -5.32 -13.24
C GLY A 189 -0.94 -6.60 -13.83
N GLY A 190 -1.59 -7.44 -13.01
CA GLY A 190 -2.06 -8.74 -13.45
C GLY A 190 -0.99 -9.80 -13.58
N GLN A 191 0.27 -9.47 -13.27
CA GLN A 191 1.37 -10.38 -13.49
C GLN A 191 1.28 -11.58 -12.56
N MET A 192 2.28 -12.45 -12.64
CA MET A 192 2.36 -13.64 -11.81
C MET A 192 2.21 -13.28 -10.34
N GLY A 193 1.56 -14.18 -9.59
CA GLY A 193 1.44 -14.03 -8.16
C GLY A 193 0.61 -12.86 -7.68
N GLY A 194 0.02 -12.08 -8.59
CA GLY A 194 -0.79 -10.95 -8.17
C GLY A 194 -2.02 -11.42 -7.40
N LEU A 195 -2.40 -10.62 -6.40
CA LEU A 195 -3.64 -10.87 -5.67
C LEU A 195 -4.83 -10.43 -6.52
N SER A 196 -6.03 -10.88 -6.13
CA SER A 196 -7.20 -10.65 -6.97
C SER A 196 -8.48 -10.69 -6.15
N GLY A 197 -9.37 -9.74 -6.43
CA GLY A 197 -10.74 -9.78 -5.97
C GLY A 197 -11.69 -9.78 -7.16
N THR A 198 -12.97 -10.03 -6.88
CA THR A 198 -13.94 -10.24 -7.94
C THR A 198 -15.27 -9.59 -7.58
N THR A 199 -16.13 -9.47 -8.60
CA THR A 199 -17.47 -8.94 -8.45
C THR A 199 -18.36 -9.58 -9.51
N THR A 200 -19.67 -9.37 -9.36
CA THR A 200 -20.65 -9.85 -10.32
C THR A 200 -21.43 -8.68 -10.87
N VAL A 201 -21.71 -8.71 -12.18
CA VAL A 201 -22.47 -7.66 -12.85
C VAL A 201 -23.67 -8.33 -13.50
N ASN A 202 -24.86 -7.99 -13.02
CA ASN A 202 -26.11 -8.50 -13.57
C ASN A 202 -26.66 -7.45 -14.54
N ILE A 203 -26.44 -7.68 -15.83
CA ILE A 203 -26.89 -6.77 -16.87
C ILE A 203 -28.29 -7.18 -17.30
N THR A 204 -29.04 -6.21 -17.83
CA THR A 204 -30.39 -6.46 -18.34
C THR A 204 -30.55 -5.72 -19.64
N LEU A 205 -30.78 -6.46 -20.72
CA LEU A 205 -31.03 -5.83 -22.02
C LEU A 205 -32.36 -5.08 -21.99
N THR A 206 -32.49 -4.10 -22.88
CA THR A 206 -33.67 -3.26 -22.94
C THR A 206 -34.14 -3.14 -24.39
N ASP A 207 -35.40 -2.74 -24.54
CA ASP A 207 -36.03 -2.62 -25.86
C ASP A 207 -35.80 -1.24 -26.46
CA CA B . 0.59 -2.67 2.34
CA CA C . -1.22 -4.97 6.62
CA CA D . -2.43 -4.74 -3.95
C ACT E . -4.71 4.10 -24.62
O ACT E . -4.68 3.36 -25.64
OXT ACT E . -4.20 3.63 -23.59
CH3 ACT E . -5.34 5.46 -24.65
H1 ACT E . -5.73 5.66 -25.65
H2 ACT E . -4.59 6.20 -24.40
H3 ACT E . -6.15 5.50 -23.93
C1 GOL F . -1.25 -9.88 6.67
O1 GOL F . -0.64 -11.13 6.45
C2 GOL F . -2.76 -10.02 6.60
O2 GOL F . -3.37 -9.18 7.55
C3 GOL F . -3.27 -9.65 5.20
O3 GOL F . -2.92 -10.65 4.28
H11 GOL F . -0.96 -9.49 7.65
H12 GOL F . -0.90 -9.17 5.91
HO1 GOL F . 0.34 -11.02 6.42
H2 GOL F . -3.02 -11.05 6.79
HO2 GOL F . -3.16 -8.24 7.36
H31 GOL F . -4.36 -9.54 5.22
H32 GOL F . -2.84 -8.69 4.90
HO3 GOL F . -3.24 -10.40 3.38
C1 GOL G . -35.90 -20.25 -29.61
O1 GOL G . -35.75 -18.88 -29.87
C2 GOL G . -37.08 -20.49 -28.67
O2 GOL G . -38.00 -19.42 -28.79
C3 GOL G . -37.76 -21.81 -29.01
O3 GOL G . -36.82 -22.86 -29.01
H11 GOL G . -36.07 -20.79 -30.55
H12 GOL G . -34.98 -20.64 -29.15
HO1 GOL G . -34.95 -18.73 -30.43
H2 GOL G . -36.71 -20.54 -27.65
HO2 GOL G . -38.35 -19.39 -29.70
H31 GOL G . -38.54 -22.01 -28.27
H32 GOL G . -38.24 -21.73 -29.99
HO3 GOL G . -37.21 -23.65 -28.59
#